data_4RDB
#
_entry.id   4RDB
#
_cell.length_a   39.636
_cell.length_b   86.821
_cell.length_c   90.645
_cell.angle_alpha   90.000
_cell.angle_beta   90.000
_cell.angle_gamma   90.000
#
_symmetry.space_group_name_H-M   'P 21 21 21'
#
loop_
_entity.id
_entity.type
_entity.pdbx_description
1 polymer 'Immunoreactive 32 kDa antigen PG49'
2 non-polymer 1,2-ETHANEDIOL
3 non-polymer ACETONE
4 water water
#
_entity_poly.entity_id   1
_entity_poly.type   'polypeptide(L)'
_entity_poly.pdbx_seq_one_letter_code
;GDRSIEISIRVDDFTKTGEAVRYERNQGSAAERLITNLYLLLFDQSGANPAKYYITGNTFTGGTWLPDD(MSE)KVKLD
(MSE)TQSEAGERKVYVVANVDNAVKTALDAVANESDLQTVKRTTA(MSE)PWSTDIASPFL(MSE)SGNKTHDFLANRL
LDNVPLVRAIAKVELNISLSEKFQIVPIIVNGSLSEFKFRYVNFDKETYVVKPTTKPDNLISSANGVWPQITDWTVWGAS
LNTSPAPDAGTGYTLDANGKVTALRIVTYLNERDSKGATVEVALPRVDDGTLPPPEFGPELYRLPLPDKILRNHWYKYEV
EI
;
_entity_poly.pdbx_strand_id   A
#
# COMPACT_ATOMS: atom_id res chain seq x y z
N GLY A 1 -36.61 21.21 10.52
CA GLY A 1 -37.16 20.06 11.25
C GLY A 1 -36.19 18.90 11.17
N ASP A 2 -36.74 17.69 11.22
CA ASP A 2 -35.93 16.47 11.27
C ASP A 2 -35.70 16.04 9.83
N ARG A 3 -34.46 16.13 9.38
CA ARG A 3 -34.08 15.78 8.03
C ARG A 3 -33.22 14.54 8.01
N SER A 4 -32.99 14.01 6.81
CA SER A 4 -32.09 12.90 6.60
C SER A 4 -30.66 13.41 6.65
N ILE A 5 -29.73 12.45 6.70
CA ILE A 5 -28.32 12.79 6.96
C ILE A 5 -27.45 12.52 5.73
N GLU A 6 -26.29 13.13 5.71
CA GLU A 6 -25.35 13.02 4.61
C GLU A 6 -23.93 12.86 5.18
N ILE A 7 -23.11 12.10 4.48
CA ILE A 7 -21.71 11.91 4.84
C ILE A 7 -20.84 12.15 3.61
N SER A 8 -19.97 13.15 3.71
CA SER A 8 -18.95 13.40 2.67
CA SER A 8 -18.96 13.42 2.69
C SER A 8 -17.70 12.61 3.00
N ILE A 9 -17.05 12.08 1.96
CA ILE A 9 -15.84 11.28 2.12
C ILE A 9 -14.76 11.84 1.22
N ARG A 10 -13.51 11.64 1.61
CA ARG A 10 -12.40 12.02 0.73
C ARG A 10 -11.32 10.97 0.87
N VAL A 11 -10.48 10.89 -0.14
CA VAL A 11 -9.31 9.97 -0.10
C VAL A 11 -8.12 10.80 0.36
N ASP A 12 -7.52 10.40 1.46
CA ASP A 12 -6.42 11.14 2.02
C ASP A 12 -5.16 10.90 1.21
N ASP A 13 -4.43 11.97 0.92
CA ASP A 13 -3.16 11.85 0.16
C ASP A 13 -2.16 10.95 0.89
N PHE A 14 -1.28 10.31 0.11
CA PHE A 14 -0.11 9.70 0.72
C PHE A 14 0.67 10.74 1.49
N THR A 15 1.34 10.28 2.52
CA THR A 15 2.48 11.01 3.07
C THR A 15 3.75 10.41 2.46
N LYS A 16 4.49 11.23 1.72
N LYS A 16 4.43 11.20 1.62
CA LYS A 16 5.69 10.80 1.02
CA LYS A 16 5.56 10.74 0.82
C LYS A 16 6.89 11.29 1.84
C LYS A 16 6.85 11.33 1.33
N THR A 17 7.87 10.42 2.02
N THR A 17 7.75 10.47 1.82
CA THR A 17 8.93 10.72 2.95
CA THR A 17 8.94 10.94 2.50
C THR A 17 10.20 10.02 2.52
C THR A 17 10.21 10.58 1.78
N GLY A 18 11.27 10.82 2.45
N GLY A 18 11.31 10.86 2.46
CA GLY A 18 12.64 10.34 2.25
CA GLY A 18 12.65 10.56 2.01
C GLY A 18 13.62 11.25 2.96
C GLY A 18 13.63 11.33 2.87
N GLU A 19 14.92 11.07 2.69
CA GLU A 19 15.98 11.80 3.45
C GLU A 19 15.96 13.35 3.36
N ARG A 22 11.67 15.66 4.03
CA ARG A 22 11.16 14.58 4.86
C ARG A 22 9.64 14.36 4.78
N TYR A 23 8.89 15.33 4.27
CA TYR A 23 7.42 15.26 4.34
C TYR A 23 6.74 16.05 3.19
N GLU A 24 6.06 15.35 2.28
CA GLU A 24 5.20 15.93 1.26
CA GLU A 24 5.23 15.92 1.23
C GLU A 24 3.90 15.13 1.20
N ARG A 25 2.83 15.78 0.75
CA ARG A 25 1.57 15.07 0.48
C ARG A 25 1.42 14.86 -0.99
N ASN A 26 1.04 13.66 -1.36
CA ASN A 26 0.95 13.31 -2.78
C ASN A 26 -0.33 12.55 -3.00
N GLN A 27 -1.13 13.02 -3.95
CA GLN A 27 -2.44 12.40 -4.19
C GLN A 27 -2.34 11.09 -4.96
N GLY A 28 -1.16 10.78 -5.50
CA GLY A 28 -1.02 9.53 -6.22
C GLY A 28 -1.81 9.54 -7.54
N SER A 29 -2.04 8.34 -8.04
CA SER A 29 -2.72 8.14 -9.31
C SER A 29 -4.21 7.91 -9.12
N ALA A 30 -4.92 7.91 -10.23
CA ALA A 30 -6.34 7.61 -10.25
C ALA A 30 -6.56 6.20 -9.70
N ALA A 31 -5.74 5.24 -10.14
CA ALA A 31 -5.84 3.87 -9.66
C ALA A 31 -5.66 3.81 -8.13
N GLU A 32 -4.79 4.62 -7.60
CA GLU A 32 -4.55 4.65 -6.13
C GLU A 32 -5.72 5.25 -5.36
N ARG A 33 -6.50 6.10 -6.03
CA ARG A 33 -7.66 6.75 -5.44
C ARG A 33 -8.99 6.08 -5.71
N LEU A 34 -9.01 5.08 -6.57
CA LEU A 34 -10.27 4.49 -7.04
C LEU A 34 -11.07 3.87 -5.90
N ILE A 35 -12.35 4.20 -5.87
CA ILE A 35 -13.28 3.60 -4.92
C ILE A 35 -14.35 2.86 -5.73
N THR A 36 -14.49 1.56 -5.51
CA THR A 36 -15.47 0.71 -6.19
C THR A 36 -16.67 0.33 -5.32
N ASN A 37 -16.48 0.34 -4.01
CA ASN A 37 -17.56 0.07 -3.09
C ASN A 37 -17.28 0.73 -1.73
N LEU A 38 -18.31 0.84 -0.92
CA LEU A 38 -18.20 1.38 0.41
C LEU A 38 -18.97 0.52 1.38
N TYR A 39 -18.51 0.56 2.63
CA TYR A 39 -19.23 -0.08 3.75
C TYR A 39 -19.19 0.92 4.90
N LEU A 40 -20.38 1.37 5.31
CA LEU A 40 -20.53 2.33 6.41
C LEU A 40 -21.00 1.62 7.66
N LEU A 41 -20.40 2.00 8.79
CA LEU A 41 -20.81 1.53 10.11
C LEU A 41 -20.99 2.74 11.00
N LEU A 42 -22.22 2.96 11.45
CA LEU A 42 -22.53 4.12 12.28
C LEU A 42 -22.82 3.61 13.69
N PHE A 43 -21.78 3.55 14.52
CA PHE A 43 -21.94 3.09 15.91
C PHE A 43 -22.55 4.17 16.75
N ASP A 44 -23.26 3.76 17.80
CA ASP A 44 -23.66 4.69 18.83
C ASP A 44 -22.46 5.20 19.62
N GLN A 45 -22.71 6.13 20.54
CA GLN A 45 -21.62 6.79 21.30
C GLN A 45 -20.86 5.80 22.17
N SER A 46 -21.45 4.64 22.44
CA SER A 46 -20.80 3.62 23.24
CA SER A 46 -20.81 3.60 23.23
C SER A 46 -19.93 2.68 22.38
N GLY A 47 -19.97 2.84 21.05
CA GLY A 47 -19.23 1.97 20.15
C GLY A 47 -19.99 0.70 19.80
N ALA A 48 -21.31 0.74 19.99
CA ALA A 48 -22.15 -0.44 19.82
C ALA A 48 -23.32 -0.15 18.88
N ASN A 49 -24.13 -1.18 18.64
CA ASN A 49 -25.38 -1.04 17.88
CA ASN A 49 -25.40 -1.06 17.89
C ASN A 49 -25.21 -0.30 16.57
N PRO A 50 -24.27 -0.75 15.74
CA PRO A 50 -24.07 -0.01 14.49
C PRO A 50 -25.19 -0.15 13.48
N ALA A 51 -25.53 0.95 12.82
CA ALA A 51 -26.28 0.88 11.55
C ALA A 51 -25.26 0.66 10.46
N LYS A 52 -25.57 -0.23 9.53
CA LYS A 52 -24.62 -0.66 8.47
C LYS A 52 -25.25 -0.49 7.11
N TYR A 53 -24.41 -0.05 6.18
CA TYR A 53 -24.78 0.11 4.77
C TYR A 53 -23.63 -0.37 3.89
N TYR A 54 -23.93 -1.33 3.03
CA TYR A 54 -23.01 -1.79 2.01
C TYR A 54 -23.46 -1.25 0.65
N ILE A 55 -22.54 -0.57 -0.03
CA ILE A 55 -22.85 0.23 -1.19
C ILE A 55 -21.96 -0.17 -2.37
N THR A 56 -22.62 -0.61 -3.47
CA THR A 56 -21.89 -0.92 -4.68
C THR A 56 -22.37 -0.11 -5.89
N GLY A 57 -23.32 0.78 -5.68
CA GLY A 57 -23.81 1.59 -6.80
C GLY A 57 -24.60 2.77 -6.26
N ASN A 58 -25.26 3.48 -7.15
CA ASN A 58 -25.79 4.78 -6.78
C ASN A 58 -27.05 4.72 -5.93
N THR A 59 -27.77 3.61 -5.96
CA THR A 59 -28.99 3.45 -5.20
C THR A 59 -28.89 2.17 -4.39
N PHE A 60 -29.24 2.25 -3.13
CA PHE A 60 -29.26 1.08 -2.26
C PHE A 60 -30.37 1.23 -1.26
N THR A 61 -30.68 0.16 -0.55
CA THR A 61 -31.72 0.23 0.45
C THR A 61 -31.28 1.14 1.61
N GLY A 62 -32.00 2.24 1.79
CA GLY A 62 -31.67 3.18 2.80
C GLY A 62 -30.92 4.42 2.41
N GLY A 63 -30.62 4.58 1.14
CA GLY A 63 -29.86 5.76 0.74
C GLY A 63 -29.39 5.77 -0.70
N THR A 64 -28.57 6.77 -1.00
CA THR A 64 -27.95 6.91 -2.32
C THR A 64 -26.51 7.33 -2.20
N TRP A 65 -25.75 7.07 -3.27
CA TRP A 65 -24.33 7.40 -3.34
C TRP A 65 -24.13 8.21 -4.58
N LEU A 66 -23.43 9.35 -4.42
CA LEU A 66 -23.08 10.24 -5.54
CA LEU A 66 -23.09 10.23 -5.54
C LEU A 66 -21.58 10.21 -5.67
N PRO A 67 -21.03 9.25 -6.46
CA PRO A 67 -19.57 9.12 -6.48
C PRO A 67 -18.86 10.39 -6.99
N ASP A 68 -19.48 11.13 -7.91
CA ASP A 68 -18.83 12.34 -8.42
C ASP A 68 -18.74 13.47 -7.38
N ASP A 69 -19.63 13.45 -6.39
CA ASP A 69 -19.60 14.42 -5.30
C ASP A 69 -19.05 13.83 -4.02
N LYS A 71 -20.23 11.71 -1.91
CA LYS A 71 -21.27 11.90 -0.90
C LYS A 71 -22.16 10.69 -0.77
N VAL A 72 -22.38 10.24 0.46
CA VAL A 72 -23.43 9.28 0.76
C VAL A 72 -24.60 9.99 1.42
N LYS A 73 -25.80 9.76 0.91
CA LYS A 73 -27.04 10.29 1.45
C LYS A 73 -27.77 9.13 2.11
N LEU A 74 -28.03 9.21 3.40
CA LEU A 74 -28.77 8.17 4.10
C LEU A 74 -30.12 8.66 4.52
N ASP A 75 -31.13 7.80 4.35
CA ASP A 75 -32.51 8.18 4.68
C ASP A 75 -32.73 8.41 6.18
N THR A 77 -32.88 9.71 9.72
CA THR A 77 -33.07 11.07 10.15
C THR A 77 -32.05 11.47 11.20
N GLN A 78 -31.94 12.77 11.36
CA GLN A 78 -31.10 13.31 12.41
C GLN A 78 -31.45 12.80 13.79
N SER A 79 -32.74 12.71 14.08
CA SER A 79 -33.15 12.26 15.41
C SER A 79 -32.80 10.78 15.64
N GLU A 80 -32.91 9.97 14.59
CA GLU A 80 -32.48 8.57 14.74
CA GLU A 80 -32.51 8.57 14.67
C GLU A 80 -30.97 8.45 14.89
N ALA A 81 -30.24 9.25 14.13
CA ALA A 81 -28.80 9.20 14.10
C ALA A 81 -28.19 9.69 15.42
N GLY A 82 -28.62 10.85 15.91
CA GLY A 82 -27.94 11.49 17.04
C GLY A 82 -26.45 11.56 16.82
N GLU A 83 -25.67 11.29 17.88
CA GLU A 83 -24.21 11.23 17.78
C GLU A 83 -23.76 9.83 17.40
N ARG A 84 -22.95 9.74 16.34
CA ARG A 84 -22.44 8.45 15.89
C ARG A 84 -20.95 8.48 15.73
N LYS A 85 -20.34 7.32 15.97
CA LYS A 85 -18.97 7.05 15.58
C LYS A 85 -19.09 6.47 14.17
N VAL A 86 -18.74 7.24 13.16
CA VAL A 86 -18.97 6.83 11.79
C VAL A 86 -17.68 6.31 11.18
N TYR A 87 -17.69 5.02 10.80
CA TYR A 87 -16.62 4.43 10.06
C TYR A 87 -17.05 4.18 8.62
N VAL A 88 -16.11 4.41 7.72
CA VAL A 88 -16.26 4.12 6.31
C VAL A 88 -15.11 3.25 5.87
N VAL A 89 -15.42 2.15 5.21
CA VAL A 89 -14.42 1.27 4.64
C VAL A 89 -14.68 1.23 3.14
N ALA A 90 -13.62 1.42 2.34
CA ALA A 90 -13.72 1.38 0.88
C ALA A 90 -13.01 0.17 0.31
N ASN A 91 -13.58 -0.35 -0.78
CA ASN A 91 -12.97 -1.43 -1.57
C ASN A 91 -12.81 -2.75 -0.79
N VAL A 92 -13.92 -3.14 -0.18
CA VAL A 92 -14.00 -4.40 0.52
C VAL A 92 -14.20 -5.53 -0.47
N ASP A 93 -13.47 -6.61 -0.24
CA ASP A 93 -13.71 -7.85 -0.95
C ASP A 93 -14.75 -8.66 -0.18
N ASN A 94 -15.06 -9.85 -0.67
CA ASN A 94 -16.10 -10.64 -0.03
C ASN A 94 -15.69 -10.99 1.40
N ALA A 95 -14.42 -11.29 1.61
CA ALA A 95 -13.99 -11.66 2.95
C ALA A 95 -14.14 -10.50 3.93
N VAL A 96 -13.70 -9.31 3.55
CA VAL A 96 -13.81 -8.17 4.44
C VAL A 96 -15.27 -7.77 4.63
N LYS A 97 -16.04 -7.76 3.54
CA LYS A 97 -17.48 -7.40 3.64
C LYS A 97 -18.18 -8.35 4.62
N THR A 98 -17.89 -9.63 4.48
CA THR A 98 -18.53 -10.65 5.32
C THR A 98 -18.14 -10.46 6.80
N ALA A 99 -16.87 -10.15 7.07
CA ALA A 99 -16.41 -9.93 8.43
C ALA A 99 -17.08 -8.66 8.98
N LEU A 100 -17.24 -7.62 8.16
CA LEU A 100 -17.91 -6.40 8.61
C LEU A 100 -19.38 -6.68 8.94
N ASP A 101 -20.03 -7.56 8.16
CA ASP A 101 -21.40 -7.97 8.48
C ASP A 101 -21.48 -8.53 9.92
N ALA A 102 -20.44 -9.20 10.37
CA ALA A 102 -20.41 -9.81 11.68
C ALA A 102 -20.07 -8.87 12.83
N VAL A 103 -19.45 -7.74 12.53
CA VAL A 103 -18.96 -6.84 13.59
C VAL A 103 -20.12 -6.35 14.46
N ALA A 104 -19.90 -6.39 15.78
CA ALA A 104 -20.91 -5.88 16.74
C ALA A 104 -20.51 -4.54 17.39
N ASN A 105 -19.21 -4.34 17.59
CA ASN A 105 -18.70 -3.21 18.35
C ASN A 105 -17.52 -2.59 17.63
N GLU A 106 -17.26 -1.33 17.95
CA GLU A 106 -16.14 -0.60 17.36
C GLU A 106 -14.83 -1.37 17.58
N SER A 107 -14.66 -1.97 18.77
CA SER A 107 -13.46 -2.75 19.08
C SER A 107 -13.23 -3.97 18.16
N ASP A 108 -14.27 -4.42 17.43
CA ASP A 108 -14.14 -5.54 16.54
C ASP A 108 -13.44 -5.15 15.25
N LEU A 109 -13.41 -3.87 14.89
CA LEU A 109 -12.92 -3.49 13.56
C LEU A 109 -11.46 -3.83 13.38
N GLN A 110 -10.69 -3.68 14.45
CA GLN A 110 -9.28 -4.04 14.40
C GLN A 110 -8.97 -5.53 14.27
N THR A 111 -10.02 -6.37 14.25
CA THR A 111 -9.83 -7.80 14.01
C THR A 111 -10.06 -8.16 12.55
N VAL A 112 -10.63 -7.23 11.76
CA VAL A 112 -11.00 -7.53 10.37
C VAL A 112 -9.76 -7.31 9.49
N LYS A 113 -9.37 -8.34 8.76
CA LYS A 113 -8.18 -8.30 7.95
CA LYS A 113 -8.19 -8.29 7.94
C LYS A 113 -8.36 -9.16 6.70
N ARG A 114 -7.56 -8.85 5.68
CA ARG A 114 -7.45 -9.62 4.42
C ARG A 114 -6.01 -10.11 4.36
N THR A 115 -5.81 -11.37 4.02
CA THR A 115 -4.48 -11.99 3.99
C THR A 115 -4.11 -12.12 2.52
N THR A 116 -2.85 -11.83 2.21
CA THR A 116 -2.34 -11.98 0.85
C THR A 116 -1.12 -12.89 0.96
N ALA A 117 -1.14 -13.98 0.19
CA ALA A 117 -0.03 -14.96 0.26
C ALA A 117 1.31 -14.36 -0.17
N PRO A 119 2.45 -10.77 -0.35
CA PRO A 119 1.91 -9.42 0.02
C PRO A 119 2.85 -8.27 -0.45
N TRP A 120 2.90 -8.13 -1.76
CA TRP A 120 3.68 -7.11 -2.43
C TRP A 120 3.10 -6.96 -3.84
N SER A 121 3.62 -6.01 -4.60
CA SER A 121 3.15 -5.83 -5.98
C SER A 121 3.52 -7.04 -6.83
N THR A 122 2.63 -7.51 -7.70
CA THR A 122 1.34 -6.90 -8.04
C THR A 122 0.10 -7.57 -7.41
N ASP A 123 0.30 -8.53 -6.50
CA ASP A 123 -0.85 -9.10 -5.81
C ASP A 123 -1.59 -8.13 -4.89
N ILE A 124 -0.87 -7.15 -4.36
CA ILE A 124 -1.50 -6.00 -3.74
C ILE A 124 -1.53 -4.92 -4.84
N ALA A 125 -2.73 -4.52 -5.26
CA ALA A 125 -2.93 -3.58 -6.35
C ALA A 125 -4.28 -2.88 -6.20
N SER A 126 -4.52 -1.92 -7.07
CA SER A 126 -5.78 -1.20 -7.07
C SER A 126 -6.90 -2.19 -7.37
N PRO A 127 -8.08 -2.03 -6.76
CA PRO A 127 -8.41 -0.96 -5.82
C PRO A 127 -7.99 -1.31 -4.40
N PHE A 128 -7.56 -0.29 -3.65
CA PHE A 128 -6.95 -0.48 -2.34
C PHE A 128 -7.97 -0.41 -1.22
N LEU A 129 -7.89 -1.34 -0.29
CA LEU A 129 -8.67 -1.19 0.96
C LEU A 129 -8.32 0.12 1.66
N SER A 131 -9.83 2.89 5.01
CA SER A 131 -10.79 3.14 6.08
C SER A 131 -10.59 4.50 6.70
N GLY A 132 -11.64 5.00 7.31
CA GLY A 132 -11.61 6.27 8.04
C GLY A 132 -12.73 6.34 9.01
N ASN A 133 -12.65 7.31 9.92
CA ASN A 133 -13.72 7.50 10.87
C ASN A 133 -13.80 8.91 11.38
N LYS A 134 -14.99 9.25 11.83
CA LYS A 134 -15.23 10.55 12.50
CA LYS A 134 -15.21 10.54 12.51
C LYS A 134 -16.42 10.39 13.43
N THR A 135 -16.33 10.95 14.60
CA THR A 135 -17.45 11.02 15.49
C THR A 135 -18.19 12.32 15.17
N HIS A 136 -19.51 12.23 15.07
CA HIS A 136 -20.28 13.38 14.56
C HIS A 136 -21.66 13.43 15.17
N ASP A 137 -22.10 14.63 15.55
CA ASP A 137 -23.44 14.84 16.08
C ASP A 137 -24.36 15.29 14.96
N PHE A 138 -25.16 14.37 14.47
CA PHE A 138 -26.09 14.67 13.37
C PHE A 138 -27.26 15.60 13.76
N LEU A 139 -27.53 15.71 15.05
CA LEU A 139 -28.53 16.68 15.51
C LEU A 139 -28.05 18.11 15.31
N ALA A 140 -26.76 18.35 15.50
CA ALA A 140 -26.18 19.66 15.28
C ALA A 140 -25.99 19.99 13.80
N ASN A 141 -25.71 18.97 12.99
CA ASN A 141 -25.47 19.19 11.55
C ASN A 141 -25.76 17.90 10.84
N ARG A 142 -26.74 17.95 9.95
CA ARG A 142 -27.12 16.75 9.22
C ARG A 142 -26.01 16.24 8.29
N LEU A 143 -25.06 17.12 7.97
CA LEU A 143 -23.93 16.78 7.12
C LEU A 143 -22.68 16.54 7.95
N LEU A 144 -22.03 15.39 7.70
CA LEU A 144 -20.72 15.08 8.22
C LEU A 144 -19.71 15.33 7.08
N ASP A 145 -18.98 16.43 7.19
CA ASP A 145 -17.93 16.84 6.23
C ASP A 145 -16.63 16.82 7.09
N ASN A 146 -15.84 15.75 7.05
CA ASN A 146 -15.90 14.63 6.14
C ASN A 146 -15.18 13.46 6.82
N VAL A 147 -15.35 12.27 6.27
CA VAL A 147 -14.57 11.13 6.73
C VAL A 147 -13.40 10.94 5.76
N PRO A 148 -12.17 11.11 6.26
CA PRO A 148 -11.01 10.88 5.39
C PRO A 148 -10.63 9.40 5.32
N LEU A 149 -10.60 8.85 4.11
CA LEU A 149 -10.27 7.47 3.88
C LEU A 149 -8.78 7.33 3.68
N VAL A 150 -8.19 6.52 4.55
CA VAL A 150 -6.77 6.27 4.57
C VAL A 150 -6.47 4.85 4.06
N ARG A 151 -5.67 4.74 2.99
CA ARG A 151 -5.31 3.44 2.46
C ARG A 151 -4.64 2.62 3.58
N ALA A 152 -4.94 1.31 3.60
CA ALA A 152 -4.40 0.39 4.57
C ALA A 152 -3.02 -0.16 4.28
N ILE A 153 -2.55 0.06 3.06
CA ILE A 153 -1.22 -0.34 2.65
C ILE A 153 -0.27 0.86 2.61
N ALA A 154 1.01 0.53 2.48
CA ALA A 154 2.08 1.50 2.27
C ALA A 154 2.73 1.26 0.91
N LYS A 155 3.67 2.12 0.56
CA LYS A 155 4.37 2.05 -0.73
C LYS A 155 5.83 2.33 -0.50
N VAL A 156 6.69 1.58 -1.19
CA VAL A 156 8.13 1.77 -1.17
C VAL A 156 8.60 1.98 -2.61
N GLU A 157 9.40 3.02 -2.79
CA GLU A 157 10.05 3.33 -4.04
C GLU A 157 11.54 3.42 -3.80
N LEU A 158 12.30 2.60 -4.51
CA LEU A 158 13.77 2.57 -4.41
C LEU A 158 14.35 2.84 -5.79
N ASN A 159 15.08 3.95 -5.88
CA ASN A 159 15.78 4.36 -7.10
C ASN A 159 17.28 4.23 -6.83
N ILE A 160 17.92 3.36 -7.57
CA ILE A 160 19.34 3.10 -7.48
C ILE A 160 20.06 3.67 -8.67
N SER A 161 21.08 4.48 -8.39
CA SER A 161 21.99 4.92 -9.42
CA SER A 161 22.00 4.94 -9.42
C SER A 161 23.22 4.04 -9.31
N LEU A 162 23.63 3.45 -10.44
CA LEU A 162 24.75 2.50 -10.43
C LEU A 162 26.07 3.19 -10.70
N SER A 163 27.05 2.89 -9.85
CA SER A 163 28.44 3.32 -10.07
C SER A 163 29.05 2.46 -11.17
N GLU A 164 30.24 2.84 -11.65
CA GLU A 164 30.74 2.21 -12.86
C GLU A 164 31.02 0.71 -12.66
N LYS A 165 31.35 0.33 -11.42
CA LYS A 165 31.59 -1.07 -11.06
C LYS A 165 30.39 -1.95 -11.42
N PHE A 166 29.18 -1.38 -11.43
CA PHE A 166 27.95 -2.16 -11.66
C PHE A 166 27.30 -1.89 -13.02
N GLN A 167 27.94 -1.07 -13.85
CA GLN A 167 27.41 -0.73 -15.16
C GLN A 167 27.81 -1.75 -16.22
N ILE A 168 27.32 -2.96 -16.04
CA ILE A 168 27.47 -3.99 -17.06
C ILE A 168 26.55 -3.69 -18.25
N VAL A 169 26.83 -4.36 -19.36
CA VAL A 169 25.87 -4.49 -20.43
C VAL A 169 25.07 -5.75 -20.12
N PRO A 170 23.81 -5.58 -19.70
CA PRO A 170 23.07 -6.75 -19.20
C PRO A 170 22.56 -7.65 -20.30
N ILE A 171 22.45 -8.92 -19.96
CA ILE A 171 21.59 -9.83 -20.69
C ILE A 171 20.13 -9.47 -20.37
N ILE A 172 19.34 -9.26 -21.42
CA ILE A 172 17.93 -8.89 -21.30
C ILE A 172 17.11 -10.02 -21.93
N VAL A 173 16.20 -10.56 -21.13
CA VAL A 173 15.34 -11.67 -21.52
C VAL A 173 13.88 -11.25 -21.39
N ASN A 174 13.25 -11.01 -22.55
CA ASN A 174 11.91 -10.50 -22.57
C ASN A 174 11.71 -9.32 -21.62
N GLY A 175 12.65 -8.39 -21.72
CA GLY A 175 12.66 -7.19 -20.92
C GLY A 175 13.36 -7.29 -19.59
N SER A 176 13.45 -8.49 -19.03
CA SER A 176 14.03 -8.66 -17.67
C SER A 176 15.54 -8.65 -17.74
N LEU A 177 16.18 -8.06 -16.73
CA LEU A 177 17.64 -8.19 -16.51
C LEU A 177 17.91 -9.51 -15.82
N SER A 178 18.29 -10.52 -16.60
CA SER A 178 18.38 -11.87 -16.12
C SER A 178 19.47 -12.10 -15.07
N GLU A 179 20.41 -11.16 -14.98
CA GLU A 179 21.52 -11.21 -14.04
C GLU A 179 21.29 -10.45 -12.74
N PHE A 180 20.28 -9.58 -12.70
CA PHE A 180 19.98 -8.77 -11.53
C PHE A 180 18.79 -9.41 -10.85
N LYS A 181 18.86 -9.63 -9.52
CA LYS A 181 17.76 -10.29 -8.85
C LYS A 181 17.46 -9.59 -7.51
N PHE A 182 16.27 -9.82 -6.99
CA PHE A 182 15.88 -9.23 -5.73
C PHE A 182 14.97 -10.14 -4.95
N ARG A 183 14.87 -9.85 -3.67
CA ARG A 183 13.82 -10.45 -2.87
C ARG A 183 13.37 -9.47 -1.78
N TYR A 184 12.15 -9.72 -1.33
CA TYR A 184 11.58 -9.04 -0.19
C TYR A 184 11.67 -9.99 1.01
N VAL A 185 12.14 -9.48 2.14
CA VAL A 185 12.32 -10.25 3.34
C VAL A 185 11.44 -9.72 4.46
N ASN A 186 10.71 -10.63 5.10
CA ASN A 186 9.91 -10.31 6.30
C ASN A 186 8.85 -9.24 6.00
N PHE A 187 8.10 -9.46 4.94
CA PHE A 187 6.94 -8.63 4.65
C PHE A 187 5.72 -9.25 5.37
N ASP A 188 4.81 -8.41 5.83
CA ASP A 188 3.62 -8.89 6.54
C ASP A 188 2.47 -9.22 5.58
N LYS A 189 1.81 -10.35 5.82
CA LYS A 189 0.76 -10.83 4.96
C LYS A 189 -0.62 -10.19 5.16
N GLU A 190 -0.81 -9.48 6.26
CA GLU A 190 -2.16 -9.04 6.64
C GLU A 190 -2.40 -7.58 6.34
N THR A 191 -3.58 -7.29 5.80
CA THR A 191 -4.06 -5.93 5.65
C THR A 191 -5.25 -5.81 6.60
N TYR A 192 -5.03 -5.14 7.72
CA TYR A 192 -6.10 -4.85 8.69
C TYR A 192 -6.96 -3.66 8.24
N VAL A 193 -8.26 -3.74 8.47
CA VAL A 193 -9.13 -2.60 8.18
C VAL A 193 -8.76 -1.39 9.06
N VAL A 194 -8.63 -1.66 10.35
CA VAL A 194 -8.15 -0.72 11.36
C VAL A 194 -7.00 -1.40 12.03
N LYS A 195 -5.87 -0.71 12.18
CA LYS A 195 -4.69 -1.35 12.76
C LYS A 195 -4.90 -1.52 14.27
N PRO A 196 -4.64 -2.72 14.80
CA PRO A 196 -4.57 -2.81 16.27
C PRO A 196 -3.52 -1.87 16.85
N THR A 197 -3.59 -1.59 18.14
CA THR A 197 -2.60 -0.70 18.74
C THR A 197 -1.18 -1.20 18.49
N THR A 198 -0.99 -2.52 18.67
CA THR A 198 0.21 -3.21 18.25
C THR A 198 -0.21 -4.30 17.29
N LYS A 199 0.07 -4.07 16.00
CA LYS A 199 -0.27 -5.05 14.99
C LYS A 199 0.63 -6.29 15.14
N PRO A 200 0.03 -7.49 15.28
CA PRO A 200 0.88 -8.69 15.33
C PRO A 200 1.54 -9.02 14.00
N ASP A 201 2.40 -10.04 14.02
CA ASP A 201 3.22 -10.40 12.86
C ASP A 201 2.67 -11.65 12.12
N ASN A 202 2.70 -11.58 10.80
CA ASN A 202 2.46 -12.74 9.95
C ASN A 202 3.37 -12.57 8.76
N LEU A 203 4.57 -13.12 8.85
CA LEU A 203 5.67 -12.72 7.97
C LEU A 203 6.02 -13.72 6.91
N ILE A 204 6.42 -13.21 5.75
CA ILE A 204 6.84 -14.08 4.64
C ILE A 204 7.88 -13.33 3.79
N SER A 205 8.74 -14.08 3.11
CA SER A 205 9.71 -13.54 2.21
C SER A 205 9.37 -14.02 0.80
N SER A 206 9.82 -13.29 -0.22
CA SER A 206 9.45 -13.61 -1.58
C SER A 206 10.30 -14.73 -2.18
N ALA A 207 11.40 -15.05 -1.49
CA ALA A 207 12.31 -16.09 -1.86
C ALA A 207 13.01 -16.61 -0.63
N ASN A 208 13.39 -17.90 -0.64
CA ASN A 208 14.00 -18.52 0.54
C ASN A 208 15.50 -18.54 0.56
N GLY A 209 16.12 -18.37 -0.60
CA GLY A 209 17.56 -18.38 -0.70
C GLY A 209 18.18 -17.26 0.11
N VAL A 210 19.19 -17.62 0.88
CA VAL A 210 20.01 -16.68 1.58
C VAL A 210 21.29 -16.49 0.79
N TRP A 211 21.66 -15.23 0.65
CA TRP A 211 22.87 -14.87 -0.04
C TRP A 211 24.02 -15.77 0.42
N PRO A 212 24.83 -16.34 -0.48
CA PRO A 212 24.85 -16.06 -1.93
C PRO A 212 23.97 -16.95 -2.82
N GLN A 213 23.05 -17.73 -2.23
CA GLN A 213 22.12 -18.57 -2.99
CA GLN A 213 22.14 -18.55 -2.98
C GLN A 213 20.95 -17.69 -3.44
N ILE A 214 21.01 -17.21 -4.68
CA ILE A 214 19.99 -16.33 -5.27
C ILE A 214 19.12 -16.97 -6.36
N THR A 215 19.26 -18.28 -6.51
CA THR A 215 18.56 -19.07 -7.51
C THR A 215 17.05 -18.76 -7.56
N ASP A 216 16.44 -18.75 -6.36
CA ASP A 216 14.99 -18.58 -6.26
C ASP A 216 14.53 -17.13 -6.09
N TRP A 217 15.50 -16.19 -6.16
CA TRP A 217 15.11 -14.78 -6.14
C TRP A 217 14.45 -14.41 -7.47
N THR A 218 13.94 -13.19 -7.55
CA THR A 218 13.18 -12.71 -8.70
C THR A 218 14.03 -11.85 -9.61
N VAL A 219 13.95 -12.09 -10.93
CA VAL A 219 14.71 -11.25 -11.87
CA VAL A 219 14.64 -11.28 -11.91
C VAL A 219 14.12 -9.84 -11.92
N TRP A 220 14.99 -8.89 -12.17
CA TRP A 220 14.62 -7.52 -12.26
C TRP A 220 13.86 -7.35 -13.58
N GLY A 221 12.71 -6.70 -13.55
CA GLY A 221 11.87 -6.50 -14.71
C GLY A 221 11.95 -5.11 -15.34
N ALA A 222 11.06 -4.86 -16.29
CA ALA A 222 11.05 -3.70 -17.15
C ALA A 222 9.70 -2.99 -17.16
N SER A 223 8.77 -3.40 -16.29
CA SER A 223 7.41 -2.80 -16.33
C SER A 223 7.37 -1.29 -16.15
N LEU A 224 8.32 -0.73 -15.37
CA LEU A 224 8.35 0.70 -15.15
C LEU A 224 8.98 1.48 -16.29
N ASN A 225 9.51 0.78 -17.29
CA ASN A 225 10.20 1.47 -18.36
C ASN A 225 9.29 2.02 -19.45
N THR A 226 8.08 1.49 -19.50
CA THR A 226 7.17 1.81 -20.56
C THR A 226 6.42 3.09 -20.26
N SER A 227 5.63 3.50 -21.23
CA SER A 227 4.88 4.75 -21.15
C SER A 227 3.47 4.52 -21.68
N PRO A 228 2.45 4.85 -20.90
CA PRO A 228 2.55 5.28 -19.51
C PRO A 228 2.98 4.17 -18.57
N ALA A 229 3.76 4.53 -17.55
CA ALA A 229 4.25 3.54 -16.60
C ALA A 229 3.16 3.11 -15.63
N PRO A 230 3.16 1.84 -15.25
CA PRO A 230 2.33 1.42 -14.13
C PRO A 230 2.78 2.07 -12.80
N ASP A 231 1.89 2.03 -11.81
CA ASP A 231 2.19 2.64 -10.51
C ASP A 231 3.23 1.84 -9.73
N ALA A 232 3.38 0.57 -10.05
CA ALA A 232 4.31 -0.32 -9.34
C ALA A 232 4.98 -1.23 -10.34
N GLY A 233 6.16 -1.72 -9.98
CA GLY A 233 6.87 -2.65 -10.83
C GLY A 233 8.37 -2.51 -10.62
N THR A 234 9.14 -2.90 -11.65
CA THR A 234 10.59 -2.74 -11.68
C THR A 234 10.98 -2.14 -13.01
N GLY A 235 12.11 -1.43 -13.02
CA GLY A 235 12.61 -0.85 -14.25
C GLY A 235 14.06 -0.51 -14.16
N TYR A 236 14.58 0.02 -15.26
CA TYR A 236 15.99 0.31 -15.36
C TYR A 236 16.23 1.28 -16.49
N THR A 237 17.43 1.88 -16.48
CA THR A 237 17.90 2.78 -17.50
C THR A 237 19.13 2.21 -18.15
N LEU A 238 19.14 2.23 -19.49
CA LEU A 238 20.35 1.91 -20.27
C LEU A 238 20.87 3.15 -20.93
N ASP A 239 22.19 3.24 -21.02
CA ASP A 239 22.82 4.33 -21.75
C ASP A 239 22.90 4.01 -23.24
N ALA A 240 23.44 4.96 -24.02
CA ALA A 240 23.52 4.79 -25.48
C ALA A 240 24.37 3.60 -25.92
N ASN A 241 25.29 3.18 -25.06
CA ASN A 241 26.10 1.97 -25.30
C ASN A 241 25.50 0.69 -24.74
N GLY A 242 24.30 0.76 -24.18
CA GLY A 242 23.63 -0.41 -23.68
C GLY A 242 24.00 -0.79 -22.24
N LYS A 243 24.78 0.04 -21.56
CA LYS A 243 25.15 -0.25 -20.16
C LYS A 243 23.99 0.16 -19.29
N VAL A 244 23.75 -0.65 -18.26
CA VAL A 244 22.74 -0.31 -17.30
C VAL A 244 23.30 0.70 -16.28
N THR A 245 22.56 1.81 -16.09
CA THR A 245 23.05 2.91 -15.22
C THR A 245 22.17 3.19 -14.03
N ALA A 246 20.97 2.63 -14.00
CA ALA A 246 20.04 2.86 -12.90
C ALA A 246 19.03 1.74 -12.86
N LEU A 247 18.51 1.53 -11.66
CA LEU A 247 17.44 0.57 -11.41
C LEU A 247 16.35 1.24 -10.60
N ARG A 248 15.12 0.75 -10.73
CA ARG A 248 14.00 1.25 -9.94
CA ARG A 248 14.00 1.25 -9.95
C ARG A 248 13.11 0.07 -9.55
N ILE A 249 12.64 0.13 -8.32
CA ILE A 249 11.64 -0.83 -7.83
C ILE A 249 10.59 -0.07 -7.02
N VAL A 250 9.31 -0.35 -7.31
CA VAL A 250 8.20 0.29 -6.58
C VAL A 250 7.25 -0.84 -6.22
N THR A 251 6.90 -0.95 -4.94
CA THR A 251 5.97 -1.96 -4.49
C THR A 251 5.06 -1.40 -3.41
N TYR A 252 3.82 -1.90 -3.39
CA TYR A 252 3.00 -1.79 -2.19
C TYR A 252 3.40 -2.87 -1.17
N LEU A 253 3.06 -2.65 0.09
CA LEU A 253 3.33 -3.63 1.14
C LEU A 253 2.42 -3.29 2.32
N ASN A 254 2.25 -4.26 3.21
CA ASN A 254 1.50 -4.02 4.42
C ASN A 254 2.27 -3.27 5.49
N GLU A 255 1.52 -2.55 6.31
CA GLU A 255 2.08 -1.88 7.45
C GLU A 255 2.68 -2.90 8.44
N ARG A 256 3.65 -2.42 9.22
CA ARG A 256 4.29 -3.20 10.27
C ARG A 256 4.58 -2.30 11.46
N ASP A 257 4.29 -2.83 12.65
CA ASP A 257 4.69 -2.21 13.90
C ASP A 257 5.99 -2.71 14.44
N SER A 258 6.60 -3.69 13.77
CA SER A 258 7.82 -4.34 14.23
C SER A 258 8.87 -4.29 13.11
N LYS A 259 10.13 -4.31 13.55
CA LYS A 259 11.24 -4.04 12.64
C LYS A 259 11.68 -5.29 11.88
N GLY A 260 12.37 -5.07 10.77
CA GLY A 260 13.08 -6.12 10.08
C GLY A 260 12.69 -6.38 8.63
N ALA A 261 11.69 -5.67 8.10
CA ALA A 261 11.43 -5.84 6.67
C ALA A 261 12.62 -5.26 5.89
N THR A 262 12.98 -5.97 4.80
CA THR A 262 14.14 -5.54 3.99
CA THR A 262 14.15 -5.56 4.02
C THR A 262 13.93 -5.88 2.54
N VAL A 263 14.64 -5.16 1.67
CA VAL A 263 14.75 -5.52 0.25
C VAL A 263 16.21 -5.90 0.04
N GLU A 264 16.45 -7.04 -0.56
CA GLU A 264 17.77 -7.48 -0.92
C GLU A 264 17.89 -7.55 -2.43
N VAL A 265 19.04 -7.12 -2.90
CA VAL A 265 19.33 -7.03 -4.34
C VAL A 265 20.70 -7.65 -4.63
N ALA A 266 20.73 -8.46 -5.68
CA ALA A 266 21.97 -9.09 -6.17
C ALA A 266 22.37 -8.34 -7.45
N LEU A 267 23.55 -7.73 -7.45
CA LEU A 267 24.04 -6.90 -8.53
C LEU A 267 25.27 -7.51 -9.20
N PRO A 268 25.22 -7.75 -10.51
CA PRO A 268 26.43 -8.14 -11.21
CA PRO A 268 26.42 -8.13 -11.24
C PRO A 268 27.43 -6.99 -11.26
N ARG A 269 28.70 -7.33 -11.37
CA ARG A 269 29.72 -6.32 -11.48
C ARG A 269 30.59 -6.52 -12.68
N VAL A 270 31.23 -5.42 -13.08
CA VAL A 270 32.17 -5.44 -14.18
C VAL A 270 33.50 -6.04 -13.69
N ASP A 271 34.10 -6.86 -14.52
CA ASP A 271 35.42 -7.40 -14.24
C ASP A 271 36.36 -6.69 -15.19
N ASP A 272 37.31 -5.96 -14.64
CA ASP A 272 38.30 -5.23 -15.46
C ASP A 272 39.49 -6.06 -15.92
N GLY A 273 39.46 -7.36 -15.61
CA GLY A 273 40.52 -8.27 -15.96
C GLY A 273 41.29 -8.75 -14.74
N THR A 274 40.99 -8.17 -13.57
CA THR A 274 41.74 -8.42 -12.33
C THR A 274 40.99 -9.15 -11.27
N LEU A 275 39.71 -9.44 -11.51
CA LEU A 275 38.94 -10.14 -10.49
C LEU A 275 39.42 -11.60 -10.41
N PRO A 276 39.83 -12.07 -9.22
CA PRO A 276 40.23 -13.49 -9.13
C PRO A 276 39.05 -14.42 -9.44
N PRO A 277 39.27 -15.44 -10.23
CA PRO A 277 38.15 -16.37 -10.49
C PRO A 277 37.37 -16.89 -9.25
N PRO A 278 38.06 -17.17 -8.12
CA PRO A 278 37.30 -17.60 -6.94
C PRO A 278 36.29 -16.59 -6.40
N GLU A 279 36.45 -15.34 -6.80
CA GLU A 279 35.59 -14.25 -6.37
C GLU A 279 34.54 -13.82 -7.40
N PHE A 280 34.43 -14.56 -8.50
CA PHE A 280 33.41 -14.22 -9.49
C PHE A 280 32.03 -14.31 -8.82
N GLY A 281 31.13 -13.43 -9.24
CA GLY A 281 29.77 -13.42 -8.78
C GLY A 281 29.24 -12.02 -8.53
N PRO A 282 27.94 -11.93 -8.29
CA PRO A 282 27.30 -10.66 -7.99
C PRO A 282 27.57 -10.22 -6.55
N GLU A 283 27.28 -8.97 -6.26
CA GLU A 283 27.36 -8.45 -4.90
C GLU A 283 25.98 -8.23 -4.31
N LEU A 284 25.94 -8.17 -2.99
CA LEU A 284 24.67 -8.01 -2.25
C LEU A 284 24.48 -6.56 -1.79
N TYR A 285 23.27 -6.04 -2.04
CA TYR A 285 22.81 -4.80 -1.43
C TYR A 285 21.60 -5.13 -0.58
N ARG A 286 21.58 -4.61 0.63
CA ARG A 286 20.41 -4.78 1.51
C ARG A 286 19.90 -3.42 1.93
N LEU A 287 18.62 -3.22 1.76
CA LEU A 287 17.97 -2.00 2.25
C LEU A 287 17.02 -2.36 3.38
N PRO A 288 17.35 -1.94 4.60
CA PRO A 288 16.40 -2.08 5.68
C PRO A 288 15.25 -1.08 5.52
N LEU A 289 14.02 -1.58 5.54
CA LEU A 289 12.86 -0.70 5.48
C LEU A 289 12.57 -0.18 6.92
N PRO A 290 11.63 0.77 7.05
CA PRO A 290 11.44 1.38 8.38
C PRO A 290 11.13 0.39 9.48
N ASP A 291 11.55 0.70 10.70
CA ASP A 291 11.23 -0.12 11.82
C ASP A 291 9.72 -0.14 12.12
N LYS A 292 9.03 0.95 11.74
CA LYS A 292 7.58 0.98 11.76
C LYS A 292 7.16 1.50 10.39
N ILE A 293 6.47 0.65 9.63
CA ILE A 293 6.01 0.95 8.29
C ILE A 293 4.55 1.38 8.46
N LEU A 294 4.23 2.62 8.13
CA LEU A 294 2.94 3.23 8.39
C LEU A 294 2.02 3.19 7.18
N ARG A 295 0.76 2.83 7.41
CA ARG A 295 -0.20 2.83 6.32
C ARG A 295 -0.29 4.20 5.62
N ASN A 296 -0.47 4.16 4.32
CA ASN A 296 -0.66 5.34 3.49
C ASN A 296 0.56 6.27 3.49
N HIS A 297 1.72 5.69 3.80
CA HIS A 297 3.00 6.34 3.59
C HIS A 297 3.69 5.76 2.39
N TRP A 298 4.42 6.65 1.72
CA TRP A 298 5.19 6.37 0.50
C TRP A 298 6.66 6.69 0.79
N TYR A 299 7.43 5.64 1.02
CA TYR A 299 8.82 5.75 1.45
C TYR A 299 9.67 5.74 0.19
N LYS A 300 10.39 6.83 -0.06
CA LYS A 300 11.20 6.99 -1.25
C LYS A 300 12.68 7.00 -0.85
N TYR A 301 13.44 6.16 -1.52
CA TYR A 301 14.88 6.01 -1.32
C TYR A 301 15.61 6.31 -2.62
N GLU A 302 16.67 7.09 -2.50
CA GLU A 302 17.55 7.41 -3.65
C GLU A 302 18.94 7.03 -3.20
N VAL A 303 19.49 5.98 -3.80
CA VAL A 303 20.78 5.48 -3.35
CA VAL A 303 20.74 5.34 -3.34
C VAL A 303 21.70 5.24 -4.53
N GLU A 304 22.98 5.41 -4.27
CA GLU A 304 24.00 5.11 -5.27
C GLU A 304 24.71 3.85 -4.79
N ILE A 305 24.81 2.88 -5.69
CA ILE A 305 25.54 1.66 -5.43
C ILE A 305 26.60 1.54 -6.50
#